data_4B0E
#
_entry.id   4B0E
#
_cell.length_a   61.858
_cell.length_b   68.587
_cell.length_c   192.245
_cell.angle_alpha   90.00
_cell.angle_beta   90.00
_cell.angle_gamma   90.00
#
_symmetry.space_group_name_H-M   'C 2 2 21'
#
loop_
_entity.id
_entity.type
_entity.pdbx_description
1 polymer 'F1 CAPSULE-ANCHORING PROTEIN'
2 water water
#
_entity_poly.entity_id   1
_entity_poly.type   'polypeptide(L)'
_entity_poly.pdbx_seq_one_letter_code
;AYTFDSTMLDTNSGESIDVSLFNQGLQLPGNYFVNVFVNGRKVDSGNIDFRLEKHNGKELLWPCLSSLQLTKYGIDIDKY
PDLIKSGTEQCVDLLAIPHSDVQFYFNQQKLSLIVPPQALLPRFDGIMPMQLWDDG
;
_entity_poly.pdbx_strand_id   A,B,C,D
#
# COMPACT_ATOMS: atom_id res chain seq x y z
N LEU A 28 -9.65 -3.51 8.02
CA LEU A 28 -10.43 -2.60 8.93
C LEU A 28 -9.63 -1.30 9.18
N PRO A 29 -10.32 -0.14 9.23
CA PRO A 29 -9.61 1.11 9.50
C PRO A 29 -8.88 1.07 10.84
N GLY A 30 -7.79 1.83 10.94
CA GLY A 30 -7.05 1.88 12.15
C GLY A 30 -5.54 1.98 11.96
N ASN A 31 -4.87 1.86 13.09
CA ASN A 31 -3.45 2.02 13.17
C ASN A 31 -2.79 0.69 12.86
N TYR A 32 -1.83 0.71 11.95
CA TYR A 32 -1.07 -0.47 11.58
C TYR A 32 0.41 -0.14 11.59
N PHE A 33 1.22 -1.05 12.11
CA PHE A 33 2.68 -0.93 12.03
C PHE A 33 3.05 -1.35 10.63
N VAL A 34 3.69 -0.47 9.86
CA VAL A 34 4.04 -0.76 8.50
C VAL A 34 5.45 -0.38 8.13
N ASN A 35 6.02 -1.10 7.15
CA ASN A 35 7.23 -0.65 6.48
C ASN A 35 6.82 0.25 5.32
N VAL A 36 7.35 1.48 5.30
CA VAL A 36 7.15 2.42 4.19
C VAL A 36 8.31 2.42 3.17
N PHE A 37 7.92 2.32 1.91
CA PHE A 37 8.80 2.28 0.77
C PHE A 37 8.43 3.42 -0.14
N VAL A 38 9.45 4.14 -0.63
CA VAL A 38 9.27 5.15 -1.69
C VAL A 38 10.13 4.74 -2.88
N ASN A 39 9.53 4.56 -4.04
CA ASN A 39 10.28 4.25 -5.25
C ASN A 39 11.22 3.07 -5.06
N GLY A 40 10.68 2.02 -4.42
CA GLY A 40 11.44 0.81 -4.13
C GLY A 40 12.40 0.86 -2.95
N ARG A 41 12.52 1.99 -2.27
CA ARG A 41 13.46 2.07 -1.11
C ARG A 41 12.70 2.13 0.19
N LYS A 42 13.13 1.33 1.18
CA LYS A 42 12.52 1.34 2.51
C LYS A 42 13.07 2.57 3.22
N VAL A 43 12.16 3.46 3.60
CA VAL A 43 12.52 4.77 4.17
C VAL A 43 12.07 4.93 5.63
N ASP A 44 11.21 4.05 6.12
CA ASP A 44 10.75 4.10 7.51
C ASP A 44 9.97 2.84 7.90
N SER A 45 9.75 2.71 9.20
CA SER A 45 8.90 1.67 9.76
C SER A 45 8.19 2.23 10.98
N GLY A 46 6.87 2.24 10.96
CA GLY A 46 6.12 2.61 12.13
C GLY A 46 4.63 2.54 11.97
N ASN A 47 3.94 3.16 12.91
CA ASN A 47 2.50 3.09 12.96
C ASN A 47 1.95 4.18 12.08
N ILE A 48 1.02 3.82 11.22
CA ILE A 48 0.35 4.77 10.37
C ILE A 48 -1.12 4.47 10.51
N ASP A 49 -1.93 5.52 10.55
CA ASP A 49 -3.39 5.39 10.64
C ASP A 49 -3.95 5.33 9.23
N PHE A 50 -4.81 4.35 8.99
CA PHE A 50 -5.43 4.15 7.70
C PHE A 50 -6.93 4.33 7.88
N ARG A 51 -7.57 5.01 6.96
CA ARG A 51 -8.99 5.19 7.04
C ARG A 51 -9.64 4.85 5.71
N LEU A 52 -10.93 4.63 5.71
CA LEU A 52 -11.62 4.32 4.46
C LEU A 52 -11.77 5.58 3.64
N GLU A 53 -11.47 5.47 2.35
CA GLU A 53 -11.60 6.57 1.40
C GLU A 53 -12.19 6.04 0.10
N LYS A 54 -13.17 6.74 -0.42
CA LYS A 54 -13.86 6.33 -1.62
C LYS A 54 -13.29 7.11 -2.79
N HIS A 55 -12.67 6.39 -3.74
CA HIS A 55 -12.06 7.00 -4.92
C HIS A 55 -12.72 6.38 -6.15
N ASN A 56 -13.50 7.21 -6.86
CA ASN A 56 -14.20 6.78 -8.06
C ASN A 56 -14.96 5.47 -7.84
N GLY A 57 -15.86 5.48 -6.86
CA GLY A 57 -16.69 4.29 -6.57
C GLY A 57 -15.99 3.05 -6.00
N LYS A 58 -14.75 3.20 -5.52
CA LYS A 58 -14.02 2.09 -4.91
C LYS A 58 -13.54 2.49 -3.53
N GLU A 59 -13.84 1.64 -2.53
CA GLU A 59 -13.37 1.85 -1.17
C GLU A 59 -11.99 1.29 -1.00
N LEU A 60 -11.13 2.06 -0.36
CA LEU A 60 -9.84 1.55 0.04
C LEU A 60 -9.36 2.17 1.33
N LEU A 61 -8.42 1.46 1.94
CA LEU A 61 -7.69 1.94 3.11
C LEU A 61 -6.60 2.86 2.63
N TRP A 62 -6.62 4.08 3.14
CA TRP A 62 -5.77 5.13 2.67
C TRP A 62 -5.07 5.71 3.90
N PRO A 63 -3.73 5.92 3.82
CA PRO A 63 -2.95 6.41 4.93
C PRO A 63 -3.10 7.90 5.16
N CYS A 64 -3.19 8.27 6.42
CA CYS A 64 -3.02 9.66 6.78
C CYS A 64 -1.54 9.93 7.04
N LEU A 65 -0.92 10.68 6.14
CA LEU A 65 0.48 11.09 6.24
C LEU A 65 0.56 12.59 6.42
N SER A 66 1.31 13.00 7.43
CA SER A 66 1.64 14.41 7.68
C SER A 66 2.71 14.97 6.74
N SER A 67 2.73 16.29 6.59
CA SER A 67 3.75 16.89 5.77
C SER A 67 5.18 16.55 6.34
N LEU A 68 5.30 16.38 7.65
CA LEU A 68 6.55 15.94 8.29
C LEU A 68 6.94 14.54 7.91
N GLN A 69 5.95 13.64 7.92
CA GLN A 69 6.18 12.27 7.53
C GLN A 69 6.58 12.18 6.07
N LEU A 70 5.88 12.90 5.17
CA LEU A 70 6.33 12.93 3.75
C LEU A 70 7.76 13.40 3.59
N THR A 71 8.10 14.45 4.31
CA THR A 71 9.49 14.96 4.36
C THR A 71 10.47 13.90 4.83
N LYS A 72 10.12 13.21 5.92
CA LYS A 72 10.86 12.07 6.45
C LYS A 72 11.08 10.98 5.39
N TYR A 73 10.06 10.73 4.57
CA TYR A 73 10.15 9.71 3.54
C TYR A 73 10.86 10.21 2.28
N GLY A 74 11.27 11.47 2.22
CA GLY A 74 12.13 11.92 1.12
C GLY A 74 11.43 12.64 -0.03
N ILE A 75 10.19 13.06 0.23
CA ILE A 75 9.35 13.74 -0.74
C ILE A 75 9.36 15.25 -0.52
N ASP A 76 9.52 15.98 -1.61
CA ASP A 76 9.70 17.44 -1.55
C ASP A 76 8.33 18.11 -1.58
N ILE A 77 7.82 18.43 -0.41
CA ILE A 77 6.43 18.82 -0.30
C ILE A 77 6.21 20.21 -0.90
N ASP A 78 7.28 21.00 -0.98
CA ASP A 78 7.26 22.36 -1.51
C ASP A 78 7.04 22.43 -3.00
N LYS A 79 7.35 21.37 -3.75
CA LYS A 79 7.03 21.34 -5.17
C LYS A 79 5.55 21.07 -5.44
N TYR A 80 4.80 20.61 -4.43
CA TYR A 80 3.38 20.29 -4.63
C TYR A 80 2.60 20.91 -3.52
N PRO A 81 2.44 22.23 -3.57
CA PRO A 81 1.70 22.91 -2.52
C PRO A 81 0.30 22.37 -2.24
N ASP A 82 -0.31 21.71 -3.23
CA ASP A 82 -1.66 21.17 -3.10
C ASP A 82 -1.77 19.99 -2.15
N LEU A 83 -0.63 19.35 -1.82
CA LEU A 83 -0.57 18.36 -0.77
C LEU A 83 -1.22 18.90 0.49
N ILE A 84 -0.87 20.13 0.84
CA ILE A 84 -1.44 20.80 2.01
C ILE A 84 -2.75 21.52 1.66
N LYS A 85 -2.75 22.27 0.56
CA LYS A 85 -3.92 23.08 0.19
C LYS A 85 -5.20 22.27 -0.11
N SER A 86 -5.07 21.14 -0.77
CA SER A 86 -6.22 20.28 -1.00
C SER A 86 -6.44 19.29 0.15
N GLY A 87 -5.58 19.34 1.16
CA GLY A 87 -5.64 18.44 2.28
C GLY A 87 -5.40 19.26 3.52
N THR A 88 -4.58 18.75 4.43
CA THR A 88 -4.10 19.49 5.59
C THR A 88 -2.65 19.08 5.87
N GLU A 89 -1.94 19.80 6.75
CA GLU A 89 -0.58 19.41 7.19
C GLU A 89 -0.56 18.10 7.96
N GLN A 90 -1.64 17.84 8.68
CA GLN A 90 -1.83 16.60 9.44
C GLN A 90 -2.13 15.38 8.59
N CYS A 91 -2.81 15.59 7.46
CA CYS A 91 -3.15 14.54 6.56
C CYS A 91 -3.15 15.07 5.13
N VAL A 92 -2.05 14.86 4.40
CA VAL A 92 -1.88 15.55 3.15
C VAL A 92 -2.77 14.88 2.09
N ASP A 93 -3.08 15.62 1.03
CA ASP A 93 -3.77 15.06 -0.13
C ASP A 93 -2.77 14.48 -1.09
N LEU A 94 -2.57 13.18 -0.92
CA LEU A 94 -1.66 12.39 -1.73
C LEU A 94 -2.00 12.36 -3.20
N LEU A 95 -3.28 12.49 -3.55
CA LEU A 95 -3.67 12.56 -4.96
C LEU A 95 -3.15 13.82 -5.68
N ALA A 96 -2.65 14.79 -4.90
CA ALA A 96 -2.08 16.05 -5.44
C ALA A 96 -0.75 15.87 -6.19
N ILE A 97 0.01 14.84 -5.86
CA ILE A 97 1.21 14.52 -6.62
C ILE A 97 0.81 13.76 -7.90
N PRO A 98 1.05 14.38 -9.06
CA PRO A 98 0.72 13.72 -10.33
C PRO A 98 1.56 12.48 -10.57
N HIS A 99 0.93 11.47 -11.19
CA HIS A 99 1.58 10.23 -11.63
C HIS A 99 2.21 9.46 -10.49
N SER A 100 1.45 9.37 -9.42
CA SER A 100 1.90 8.74 -8.22
C SER A 100 0.94 7.61 -7.94
N ASP A 101 1.39 6.62 -7.18
CA ASP A 101 0.54 5.51 -6.76
C ASP A 101 0.82 5.32 -5.30
N VAL A 102 -0.24 5.10 -4.53
CA VAL A 102 -0.17 4.77 -3.13
C VAL A 102 -0.80 3.38 -2.97
N GLN A 103 -0.04 2.40 -2.47
CA GLN A 103 -0.60 1.05 -2.25
C GLN A 103 -0.26 0.50 -0.89
N PHE A 104 -1.29 0.15 -0.12
CA PHE A 104 -1.12 -0.56 1.16
C PHE A 104 -1.24 -2.08 0.92
N TYR A 105 -0.15 -2.80 1.14
CA TYR A 105 -0.15 -4.27 1.02
C TYR A 105 -0.33 -4.82 2.43
N PHE A 106 -1.60 -4.99 2.81
CA PHE A 106 -2.00 -5.31 4.18
C PHE A 106 -1.24 -6.50 4.72
N ASN A 107 -1.22 -7.59 3.96
CA ASN A 107 -0.54 -8.84 4.37
C ASN A 107 0.97 -8.73 4.59
N GLN A 108 1.63 -7.90 3.81
CA GLN A 108 3.06 -7.73 3.91
C GLN A 108 3.39 -6.65 4.90
N GLN A 109 2.35 -5.99 5.43
CA GLN A 109 2.49 -4.82 6.28
C GLN A 109 3.45 -3.84 5.61
N LYS A 110 3.06 -3.46 4.40
CA LYS A 110 3.89 -2.65 3.54
C LYS A 110 3.07 -1.52 2.91
N LEU A 111 3.51 -0.29 3.10
CA LEU A 111 2.97 0.87 2.41
C LEU A 111 3.97 1.33 1.36
N SER A 112 3.53 1.35 0.11
CA SER A 112 4.40 1.65 -1.02
C SER A 112 3.88 2.92 -1.69
N LEU A 113 4.76 3.90 -1.79
CA LEU A 113 4.52 5.16 -2.45
C LEU A 113 5.40 5.22 -3.69
N ILE A 114 4.79 5.47 -4.82
CA ILE A 114 5.50 5.60 -6.10
C ILE A 114 5.23 7.03 -6.53
N VAL A 115 6.31 7.78 -6.72
CA VAL A 115 6.23 9.20 -7.06
C VAL A 115 7.21 9.44 -8.18
N PRO A 116 6.93 10.48 -8.96
CA PRO A 116 7.89 10.71 -10.01
C PRO A 116 9.24 11.19 -9.45
N PRO A 117 10.31 10.97 -10.20
CA PRO A 117 11.66 11.33 -9.75
C PRO A 117 11.76 12.79 -9.28
N GLN A 118 11.03 13.69 -9.92
CA GLN A 118 11.08 15.10 -9.54
C GLN A 118 10.40 15.44 -8.20
N ALA A 119 9.65 14.51 -7.61
CA ALA A 119 9.01 14.72 -6.29
C ALA A 119 9.96 14.45 -5.14
N LEU A 120 11.16 13.95 -5.41
CA LEU A 120 12.09 13.55 -4.39
C LEU A 120 12.99 14.74 -3.97
N LEU A 121 13.37 14.76 -2.70
CA LEU A 121 14.33 15.71 -2.14
C LEU A 121 15.76 15.43 -2.62
N PRO A 122 16.63 16.46 -2.60
CA PRO A 122 18.02 16.34 -3.05
C PRO A 122 18.85 15.27 -2.34
N ARG A 123 18.48 14.91 -1.13
CA ARG A 123 19.05 13.75 -0.45
C ARG A 123 19.42 12.60 -1.40
N GLN B 27 -10.72 -12.23 -20.05
CA GLN B 27 -9.66 -11.65 -19.17
C GLN B 27 -8.45 -12.59 -19.12
N LEU B 28 -7.31 -12.07 -18.68
CA LEU B 28 -6.02 -12.79 -18.75
C LEU B 28 -5.85 -13.78 -17.58
N PRO B 29 -5.54 -15.05 -17.87
CA PRO B 29 -5.16 -15.90 -16.76
C PRO B 29 -3.94 -15.36 -15.99
N GLY B 30 -3.80 -15.73 -14.73
CA GLY B 30 -2.67 -15.24 -13.96
C GLY B 30 -2.93 -15.12 -12.48
N ASN B 31 -1.96 -14.54 -11.80
CA ASN B 31 -1.98 -14.39 -10.37
C ASN B 31 -2.76 -13.14 -10.01
N TYR B 32 -3.71 -13.30 -9.10
CA TYR B 32 -4.60 -12.20 -8.69
C TYR B 32 -4.74 -12.18 -7.16
N PHE B 33 -4.38 -11.07 -6.55
CA PHE B 33 -4.73 -10.86 -5.15
C PHE B 33 -6.25 -10.80 -4.98
N VAL B 34 -6.75 -11.67 -4.11
CA VAL B 34 -8.20 -11.76 -3.81
C VAL B 34 -8.46 -11.94 -2.33
N ASN B 35 -9.60 -11.45 -1.90
CA ASN B 35 -10.21 -11.89 -0.64
C ASN B 35 -11.13 -13.08 -0.90
N VAL B 36 -10.94 -14.13 -0.12
CA VAL B 36 -11.71 -15.35 -0.27
C VAL B 36 -12.83 -15.40 0.78
N PHE B 37 -14.03 -15.75 0.32
CA PHE B 37 -15.17 -15.95 1.19
C PHE B 37 -15.77 -17.33 1.02
N VAL B 38 -16.21 -17.94 2.11
CA VAL B 38 -16.90 -19.26 2.08
C VAL B 38 -18.21 -19.06 2.87
N ASN B 39 -19.33 -19.31 2.19
CA ASN B 39 -20.66 -19.11 2.71
C ASN B 39 -20.80 -17.79 3.47
N GLY B 40 -20.31 -16.73 2.84
CA GLY B 40 -20.43 -15.39 3.36
C GLY B 40 -19.36 -14.98 4.36
N ARG B 41 -18.49 -15.88 4.79
CA ARG B 41 -17.42 -15.55 5.78
C ARG B 41 -16.08 -15.28 5.07
N LYS B 42 -15.38 -14.20 5.40
CA LYS B 42 -14.01 -14.02 4.88
C LYS B 42 -13.14 -15.05 5.56
N VAL B 43 -12.41 -15.83 4.79
CA VAL B 43 -11.59 -16.88 5.37
C VAL B 43 -10.10 -16.69 5.09
N ASP B 44 -9.76 -15.96 4.04
CA ASP B 44 -8.37 -15.72 3.69
C ASP B 44 -8.24 -14.51 2.75
N SER B 45 -7.01 -14.06 2.61
CA SER B 45 -6.65 -13.03 1.66
C SER B 45 -5.30 -13.42 1.09
N GLY B 46 -5.17 -13.30 -0.23
CA GLY B 46 -3.89 -13.60 -0.84
C GLY B 46 -3.95 -13.75 -2.34
N ASN B 47 -2.80 -14.14 -2.89
CA ASN B 47 -2.63 -14.21 -4.32
C ASN B 47 -3.02 -15.61 -4.76
N ILE B 48 -3.93 -15.69 -5.73
CA ILE B 48 -4.42 -16.97 -6.23
C ILE B 48 -4.29 -16.93 -7.71
N ASP B 49 -3.95 -18.07 -8.29
CA ASP B 49 -3.87 -18.19 -9.74
C ASP B 49 -5.24 -18.55 -10.29
N PHE B 50 -5.61 -17.89 -11.38
CA PHE B 50 -6.85 -18.12 -12.10
C PHE B 50 -6.55 -18.58 -13.54
N ARG B 51 -7.37 -19.48 -14.05
CA ARG B 51 -7.20 -19.97 -15.43
C ARG B 51 -8.54 -19.91 -16.14
N LEU B 52 -8.49 -19.94 -17.48
CA LEU B 52 -9.71 -19.88 -18.26
C LEU B 52 -10.31 -21.27 -18.28
N GLU B 53 -11.60 -21.35 -17.99
CA GLU B 53 -12.36 -22.57 -18.07
C GLU B 53 -13.70 -22.32 -18.73
N LYS B 54 -14.32 -23.38 -19.23
CA LYS B 54 -15.59 -23.31 -19.95
C LYS B 54 -16.64 -24.00 -19.11
N HIS B 55 -17.64 -23.22 -18.71
CA HIS B 55 -18.71 -23.70 -17.86
C HIS B 55 -20.02 -23.37 -18.55
N ASN B 56 -20.61 -24.36 -19.23
CA ASN B 56 -21.90 -24.24 -19.91
C ASN B 56 -21.98 -23.07 -20.91
N GLY B 57 -20.94 -22.94 -21.73
CA GLY B 57 -20.87 -21.89 -22.75
C GLY B 57 -20.24 -20.57 -22.32
N LYS B 58 -19.99 -20.39 -21.03
CA LYS B 58 -19.33 -19.20 -20.51
C LYS B 58 -17.86 -19.54 -20.34
N GLU B 59 -16.98 -18.81 -21.01
CA GLU B 59 -15.53 -18.99 -20.76
C GLU B 59 -15.24 -17.98 -19.65
N LEU B 60 -14.74 -18.45 -18.52
CA LEU B 60 -14.46 -17.59 -17.38
C LEU B 60 -13.16 -17.91 -16.69
N LEU B 61 -12.71 -16.96 -15.88
CA LEU B 61 -11.57 -17.15 -14.99
C LEU B 61 -11.97 -17.92 -13.75
N TRP B 62 -11.25 -18.99 -13.46
CA TRP B 62 -11.59 -19.91 -12.44
C TRP B 62 -10.35 -20.15 -11.59
N PRO B 63 -10.52 -20.19 -10.27
CA PRO B 63 -9.35 -20.28 -9.42
C PRO B 63 -8.69 -21.66 -9.43
N CYS B 64 -7.37 -21.69 -9.28
CA CYS B 64 -6.66 -22.94 -8.99
C CYS B 64 -6.35 -23.00 -7.51
N LEU B 65 -7.15 -23.81 -6.82
CA LEU B 65 -7.02 -24.05 -5.37
C LEU B 65 -6.42 -25.38 -5.06
N SER B 66 -5.46 -25.36 -4.17
CA SER B 66 -4.84 -26.60 -3.75
C SER B 66 -5.68 -27.21 -2.63
N SER B 67 -5.40 -28.45 -2.29
CA SER B 67 -6.11 -29.07 -1.21
C SER B 67 -5.73 -28.44 0.15
N LEU B 68 -4.53 -27.85 0.24
CA LEU B 68 -4.12 -27.10 1.43
C LEU B 68 -4.94 -25.80 1.57
N GLN B 69 -5.12 -25.08 0.47
CA GLN B 69 -5.94 -23.88 0.47
C GLN B 69 -7.40 -24.14 0.85
N LEU B 70 -8.00 -25.16 0.24
CA LEU B 70 -9.39 -25.47 0.52
C LEU B 70 -9.55 -25.85 2.02
N THR B 71 -8.60 -26.62 2.54
CA THR B 71 -8.57 -26.96 3.98
C THR B 71 -8.44 -25.70 4.86
N LYS B 72 -7.58 -24.78 4.44
CA LYS B 72 -7.43 -23.49 5.14
C LYS B 72 -8.72 -22.66 5.13
N TYR B 73 -9.51 -22.76 4.06
CA TYR B 73 -10.78 -22.00 3.96
C TYR B 73 -11.95 -22.65 4.71
N GLY B 74 -11.72 -23.87 5.21
CA GLY B 74 -12.66 -24.53 6.11
C GLY B 74 -13.44 -25.63 5.45
N ILE B 75 -13.03 -26.04 4.25
CA ILE B 75 -13.68 -27.13 3.50
C ILE B 75 -13.09 -28.51 3.81
N ASP B 76 -13.99 -29.48 4.02
CA ASP B 76 -13.63 -30.89 4.29
C ASP B 76 -13.39 -31.67 2.96
N ILE B 77 -12.16 -31.63 2.46
CA ILE B 77 -11.83 -32.24 1.17
C ILE B 77 -11.98 -33.78 1.15
N ASP B 78 -11.80 -34.41 2.30
CA ASP B 78 -11.87 -35.86 2.42
C ASP B 78 -13.22 -36.50 2.11
N LYS B 79 -14.28 -35.71 2.19
CA LYS B 79 -15.62 -36.19 1.85
C LYS B 79 -15.85 -36.25 0.35
N TYR B 80 -14.94 -35.63 -0.42
CA TYR B 80 -15.09 -35.47 -1.86
C TYR B 80 -13.81 -35.89 -2.57
N PRO B 81 -13.57 -37.20 -2.64
CA PRO B 81 -12.38 -37.73 -3.29
C PRO B 81 -12.12 -37.22 -4.70
N ASP B 82 -13.17 -36.93 -5.46
CA ASP B 82 -13.01 -36.44 -6.83
C ASP B 82 -12.41 -35.02 -6.93
N LEU B 83 -12.43 -34.23 -5.85
CA LEU B 83 -11.60 -33.01 -5.79
C LEU B 83 -10.17 -33.33 -6.28
N ILE B 84 -9.64 -34.48 -5.84
CA ILE B 84 -8.37 -34.98 -6.35
C ILE B 84 -8.50 -35.70 -7.69
N LYS B 85 -9.11 -36.88 -7.71
CA LYS B 85 -9.02 -37.74 -8.90
C LYS B 85 -9.57 -37.15 -10.20
N SER B 86 -10.47 -36.18 -10.11
CA SER B 86 -11.01 -35.47 -11.29
C SER B 86 -10.30 -34.12 -11.60
N GLY B 87 -9.31 -33.74 -10.77
CA GLY B 87 -8.36 -32.65 -11.05
C GLY B 87 -6.89 -33.03 -10.79
N THR B 88 -6.28 -32.29 -9.83
CA THR B 88 -4.96 -32.60 -9.23
C THR B 88 -4.90 -31.93 -7.84
N GLU B 89 -3.84 -32.19 -7.07
CA GLU B 89 -3.80 -31.69 -5.67
C GLU B 89 -3.46 -30.20 -5.54
N GLN B 90 -2.74 -29.66 -6.53
CA GLN B 90 -2.39 -28.23 -6.60
C GLN B 90 -3.49 -27.38 -7.25
N CYS B 91 -4.39 -28.02 -7.98
CA CYS B 91 -5.54 -27.37 -8.56
C CYS B 91 -6.74 -28.37 -8.58
N VAL B 92 -7.45 -28.43 -7.47
CA VAL B 92 -8.57 -29.35 -7.26
C VAL B 92 -9.75 -29.08 -8.18
N ASP B 93 -10.53 -30.13 -8.43
CA ASP B 93 -11.73 -30.06 -9.23
C ASP B 93 -12.91 -29.57 -8.40
N LEU B 94 -13.15 -28.28 -8.41
CA LEU B 94 -14.19 -27.71 -7.55
C LEU B 94 -15.59 -28.16 -7.89
N LEU B 95 -15.78 -28.67 -9.11
CA LEU B 95 -17.10 -29.16 -9.51
C LEU B 95 -17.44 -30.46 -8.78
N ALA B 96 -16.47 -31.07 -8.11
CA ALA B 96 -16.67 -32.34 -7.40
C ALA B 96 -17.58 -32.18 -6.17
N ILE B 97 -17.63 -30.96 -5.62
CA ILE B 97 -18.52 -30.64 -4.50
C ILE B 97 -19.90 -30.31 -5.07
N PRO B 98 -20.89 -31.12 -4.73
CA PRO B 98 -22.17 -30.92 -5.35
C PRO B 98 -22.88 -29.75 -4.68
N HIS B 99 -23.78 -29.11 -5.43
CA HIS B 99 -24.60 -28.00 -4.92
C HIS B 99 -23.72 -26.86 -4.44
N SER B 100 -22.70 -26.54 -5.25
CA SER B 100 -21.68 -25.55 -4.92
C SER B 100 -21.51 -24.53 -6.03
N ASP B 101 -21.32 -23.26 -5.64
CA ASP B 101 -21.06 -22.17 -6.57
C ASP B 101 -19.70 -21.54 -6.30
N VAL B 102 -18.99 -21.20 -7.36
CA VAL B 102 -17.73 -20.47 -7.29
C VAL B 102 -17.89 -19.22 -8.16
N GLN B 103 -17.65 -18.04 -7.61
CA GLN B 103 -17.77 -16.79 -8.35
C GLN B 103 -16.53 -15.91 -8.12
N PHE B 104 -15.83 -15.58 -9.21
CA PHE B 104 -14.78 -14.58 -9.17
C PHE B 104 -15.38 -13.23 -9.56
N TYR B 105 -15.27 -12.25 -8.67
CA TYR B 105 -15.75 -10.87 -8.91
C TYR B 105 -14.52 -10.03 -9.10
N PHE B 106 -14.13 -9.91 -10.36
CA PHE B 106 -12.86 -9.35 -10.77
C PHE B 106 -12.64 -7.93 -10.29
N ASN B 107 -13.63 -7.06 -10.52
CA ASN B 107 -13.50 -5.65 -10.14
C ASN B 107 -13.42 -5.49 -8.63
N GLN B 108 -14.13 -6.37 -7.93
CA GLN B 108 -14.18 -6.38 -6.46
C GLN B 108 -13.02 -7.12 -5.76
N GLN B 109 -12.10 -7.71 -6.51
CA GLN B 109 -11.01 -8.54 -5.96
C GLN B 109 -11.55 -9.56 -4.94
N LYS B 110 -12.61 -10.26 -5.33
CA LYS B 110 -13.34 -11.15 -4.42
C LYS B 110 -13.61 -12.50 -5.10
N LEU B 111 -13.32 -13.57 -4.37
CA LEU B 111 -13.67 -14.94 -4.75
C LEU B 111 -14.68 -15.48 -3.72
N SER B 112 -15.89 -15.76 -4.20
CA SER B 112 -16.97 -16.35 -3.44
C SER B 112 -17.14 -17.86 -3.69
N LEU B 113 -16.95 -18.63 -2.63
CA LEU B 113 -17.21 -20.05 -2.65
C LEU B 113 -18.49 -20.27 -1.77
N ILE B 114 -19.50 -20.92 -2.35
CA ILE B 114 -20.69 -21.34 -1.64
C ILE B 114 -20.73 -22.86 -1.68
N VAL B 115 -20.83 -23.45 -0.51
CA VAL B 115 -20.69 -24.84 -0.33
C VAL B 115 -21.81 -25.32 0.60
N PRO B 116 -22.31 -26.57 0.40
CA PRO B 116 -23.32 -27.11 1.32
C PRO B 116 -22.74 -27.25 2.74
N PRO B 117 -23.58 -27.10 3.79
CA PRO B 117 -23.10 -27.23 5.19
C PRO B 117 -22.22 -28.49 5.45
N GLN B 118 -22.57 -29.57 4.77
CA GLN B 118 -21.93 -30.86 4.97
C GLN B 118 -20.48 -30.86 4.48
N ALA B 119 -20.14 -29.89 3.63
CA ALA B 119 -18.82 -29.82 3.07
C ALA B 119 -17.86 -29.09 3.97
N LEU B 120 -18.33 -28.54 5.10
CA LEU B 120 -17.47 -27.73 5.99
C LEU B 120 -16.83 -28.48 7.13
N LEU B 121 -15.61 -28.10 7.48
CA LEU B 121 -14.93 -28.73 8.60
C LEU B 121 -15.63 -28.35 9.90
N PRO B 122 -15.51 -29.20 10.97
CA PRO B 122 -16.09 -28.94 12.29
C PRO B 122 -15.74 -27.55 12.82
N ARG B 123 -14.51 -27.09 12.56
CA ARG B 123 -14.00 -25.82 13.10
C ARG B 123 -14.56 -24.53 12.44
N PHE B 124 -15.08 -24.64 11.22
CA PHE B 124 -15.53 -23.46 10.44
C PHE B 124 -16.55 -22.59 11.21
N LEU C 28 -17.51 9.42 9.22
CA LEU C 28 -16.20 9.01 8.57
C LEU C 28 -15.04 9.99 8.81
N PRO C 29 -13.93 9.53 9.41
CA PRO C 29 -12.81 10.50 9.59
C PRO C 29 -12.15 10.92 8.27
N GLY C 30 -11.48 12.07 8.29
CA GLY C 30 -10.95 12.62 7.03
C GLY C 30 -10.81 14.13 7.03
N ASN C 31 -10.39 14.66 5.90
CA ASN C 31 -10.27 16.11 5.76
C ASN C 31 -11.61 16.65 5.30
N TYR C 32 -12.13 17.65 5.99
CA TYR C 32 -13.39 18.29 5.59
C TYR C 32 -13.22 19.79 5.50
N PHE C 33 -13.84 20.39 4.49
CA PHE C 33 -13.87 21.81 4.37
C PHE C 33 -14.94 22.34 5.30
N VAL C 34 -14.53 23.21 6.20
CA VAL C 34 -15.38 23.78 7.26
C VAL C 34 -15.16 25.28 7.42
N ASN C 35 -16.24 25.93 7.84
CA ASN C 35 -16.19 27.26 8.45
C ASN C 35 -15.95 27.03 9.93
N VAL C 36 -14.95 27.71 10.44
CA VAL C 36 -14.57 27.65 11.83
C VAL C 36 -15.15 28.88 12.54
N PHE C 37 -15.83 28.61 13.65
CA PHE C 37 -16.37 29.64 14.49
C PHE C 37 -15.81 29.58 15.89
N VAL C 38 -15.53 30.74 16.46
CA VAL C 38 -15.11 30.84 17.88
C VAL C 38 -16.03 31.79 18.60
N ASN C 39 -16.72 31.25 19.61
CA ASN C 39 -17.76 31.95 20.35
C ASN C 39 -18.68 32.76 19.44
N GLY C 40 -19.10 32.15 18.33
CA GLY C 40 -20.09 32.74 17.46
C GLY C 40 -19.56 33.54 16.30
N ARG C 41 -18.26 33.83 16.31
CA ARG C 41 -17.61 34.61 15.25
C ARG C 41 -16.90 33.70 14.25
N LYS C 42 -17.19 33.89 12.97
CA LYS C 42 -16.51 33.17 11.90
C LYS C 42 -15.04 33.64 11.84
N VAL C 43 -14.11 32.70 12.00
CA VAL C 43 -12.68 33.04 12.06
C VAL C 43 -11.78 32.45 11.00
N ASP C 44 -12.29 31.45 10.29
CA ASP C 44 -11.58 30.86 9.18
C ASP C 44 -12.50 29.96 8.35
N SER C 45 -12.06 29.64 7.13
CA SER C 45 -12.66 28.57 6.36
C SER C 45 -11.57 27.82 5.63
N GLY C 46 -11.50 26.52 5.87
CA GLY C 46 -10.47 25.71 5.22
C GLY C 46 -10.66 24.28 5.59
N ASN C 47 -9.70 23.46 5.19
CA ASN C 47 -9.76 22.04 5.44
C ASN C 47 -9.23 21.81 6.82
N ILE C 48 -9.87 20.87 7.50
CA ILE C 48 -9.46 20.47 8.81
C ILE C 48 -9.57 18.97 8.81
N ASP C 49 -8.60 18.33 9.46
CA ASP C 49 -8.53 16.90 9.64
C ASP C 49 -9.29 16.48 10.89
N PHE C 50 -10.23 15.58 10.71
CA PHE C 50 -11.08 15.09 11.75
C PHE C 50 -10.80 13.62 12.00
N ARG C 51 -10.68 13.26 13.26
CA ARG C 51 -10.34 11.90 13.64
C ARG C 51 -11.45 11.34 14.53
N LEU C 52 -11.58 10.02 14.55
CA LEU C 52 -12.59 9.37 15.39
C LEU C 52 -12.01 9.28 16.79
N GLU C 53 -12.72 9.80 17.77
CA GLU C 53 -12.26 9.74 19.15
C GLU C 53 -13.45 9.37 20.03
N LYS C 54 -13.18 8.93 21.24
CA LYS C 54 -14.21 8.42 22.12
C LYS C 54 -14.07 9.22 23.41
N HIS C 55 -15.03 10.11 23.70
CA HIS C 55 -15.05 10.85 24.96
C HIS C 55 -16.25 10.42 25.75
N ASN C 56 -16.00 9.88 26.94
CA ASN C 56 -17.05 9.50 27.87
C ASN C 56 -18.02 8.52 27.20
N GLY C 57 -17.44 7.56 26.47
CA GLY C 57 -18.21 6.52 25.83
C GLY C 57 -18.93 6.87 24.54
N LYS C 58 -18.90 8.12 24.09
CA LYS C 58 -19.47 8.41 22.78
C LYS C 58 -18.44 8.77 21.76
N GLU C 59 -18.57 8.12 20.61
CA GLU C 59 -17.70 8.39 19.47
C GLU C 59 -18.11 9.64 18.76
N LEU C 60 -17.09 10.38 18.37
CA LEU C 60 -17.26 11.61 17.67
C LEU C 60 -16.11 11.84 16.70
N LEU C 61 -16.34 12.73 15.76
CA LEU C 61 -15.27 13.28 14.91
C LEU C 61 -14.70 14.47 15.62
N TRP C 62 -13.41 14.42 15.84
CA TRP C 62 -12.75 15.40 16.62
C TRP C 62 -11.65 16.07 15.75
N PRO C 63 -11.54 17.40 15.83
CA PRO C 63 -10.54 18.07 14.98
C PRO C 63 -9.09 17.90 15.47
N CYS C 64 -8.20 17.64 14.52
CA CYS C 64 -6.78 17.58 14.78
C CYS C 64 -6.22 18.94 14.35
N LEU C 65 -5.92 19.77 15.34
CA LEU C 65 -5.44 21.13 15.12
C LEU C 65 -3.96 21.31 15.58
N SER C 66 -3.31 22.28 14.97
CA SER C 66 -1.99 22.72 15.33
C SER C 66 -2.06 23.94 16.22
N SER C 67 -0.94 24.23 16.88
CA SER C 67 -0.76 25.49 17.58
C SER C 67 -1.03 26.70 16.68
N LEU C 68 -0.62 26.59 15.42
CA LEU C 68 -0.77 27.69 14.45
C LEU C 68 -2.21 27.96 14.09
N GLN C 69 -2.98 26.89 13.89
CA GLN C 69 -4.39 26.97 13.56
C GLN C 69 -5.13 27.61 14.71
N LEU C 70 -4.88 27.12 15.92
CA LEU C 70 -5.54 27.71 17.11
C LEU C 70 -5.24 29.19 17.27
N THR C 71 -4.00 29.60 16.95
CA THR C 71 -3.58 31.00 17.02
C THR C 71 -4.29 31.85 15.98
N LYS C 72 -4.42 31.30 14.78
CA LYS C 72 -5.13 31.94 13.70
C LYS C 72 -6.60 32.11 14.08
N TYR C 73 -7.17 31.11 14.76
CA TYR C 73 -8.56 31.23 15.23
C TYR C 73 -8.75 32.22 16.40
N GLY C 74 -7.68 32.71 17.03
CA GLY C 74 -7.75 33.73 18.09
C GLY C 74 -7.61 33.19 19.49
N ILE C 75 -7.16 31.96 19.63
CA ILE C 75 -6.96 31.36 20.95
C ILE C 75 -5.55 31.62 21.46
N ASP C 76 -5.46 32.05 22.72
CA ASP C 76 -4.18 32.35 23.36
C ASP C 76 -3.56 31.08 23.93
N ILE C 77 -2.77 30.40 23.12
CA ILE C 77 -2.19 29.09 23.50
C ILE C 77 -1.12 29.12 24.61
N ASP C 78 -0.41 30.23 24.78
CA ASP C 78 0.53 30.46 25.90
C ASP C 78 -0.08 30.23 27.29
N LYS C 79 -1.39 30.45 27.41
CA LYS C 79 -2.09 30.31 28.67
C LYS C 79 -2.39 28.84 29.02
N TYR C 80 -2.38 27.97 28.01
CA TYR C 80 -2.75 26.58 28.20
C TYR C 80 -1.64 25.65 27.73
N PRO C 81 -0.51 25.62 28.46
CA PRO C 81 0.61 24.77 28.05
C PRO C 81 0.29 23.27 27.89
N ASP C 82 -0.77 22.78 28.55
CA ASP C 82 -1.19 21.36 28.42
C ASP C 82 -1.80 21.02 27.06
N LEU C 83 -2.12 22.04 26.25
CA LEU C 83 -2.40 21.86 24.80
C LEU C 83 -1.33 20.98 24.13
N ILE C 84 -0.07 21.24 24.45
CA ILE C 84 1.04 20.36 24.07
C ILE C 84 1.40 19.40 25.22
N GLU C 89 3.47 14.49 19.46
CA GLU C 89 2.01 14.46 19.26
C GLU C 89 1.62 14.98 17.88
N GLN C 90 0.53 14.47 17.35
CA GLN C 90 0.12 14.84 16.01
C GLN C 90 -0.92 15.94 15.95
N CYS C 91 -1.54 16.25 17.11
CA CYS C 91 -2.67 17.23 17.26
C CYS C 91 -2.56 17.87 18.67
N VAL C 92 -2.97 19.12 18.87
CA VAL C 92 -3.05 19.68 20.26
C VAL C 92 -4.18 19.00 21.06
N ASP C 93 -4.05 18.93 22.39
CA ASP C 93 -5.12 18.34 23.20
C ASP C 93 -6.13 19.42 23.56
N LEU C 94 -7.27 19.42 22.87
CA LEU C 94 -8.25 20.51 23.03
C LEU C 94 -9.02 20.45 24.33
N LEU C 95 -8.96 19.30 24.98
CA LEU C 95 -9.51 19.09 26.32
C LEU C 95 -8.72 19.86 27.42
N ALA C 96 -7.50 20.31 27.13
CA ALA C 96 -6.71 21.11 28.06
C ALA C 96 -7.33 22.48 28.40
N ILE C 97 -8.11 23.04 27.48
CA ILE C 97 -8.76 24.31 27.73
C ILE C 97 -10.02 24.02 28.53
N PRO C 98 -10.08 24.53 29.78
CA PRO C 98 -11.24 24.22 30.59
C PRO C 98 -12.46 24.98 30.12
N HIS C 99 -13.62 24.33 30.28
CA HIS C 99 -14.93 24.96 30.09
C HIS C 99 -15.10 25.29 28.63
N SER C 100 -14.67 24.37 27.79
CA SER C 100 -14.78 24.57 26.37
C SER C 100 -15.56 23.42 25.71
N ASP C 101 -16.05 23.70 24.52
CA ASP C 101 -16.96 22.84 23.81
C ASP C 101 -16.46 22.90 22.40
N VAL C 102 -16.33 21.74 21.78
CA VAL C 102 -15.81 21.64 20.44
C VAL C 102 -16.85 20.80 19.75
N GLN C 103 -17.45 21.33 18.70
CA GLN C 103 -18.48 20.55 18.03
C GLN C 103 -18.44 20.74 16.53
N PHE C 104 -18.31 19.60 15.84
CA PHE C 104 -18.45 19.53 14.41
C PHE C 104 -19.91 19.27 14.01
N TYR C 105 -20.50 20.27 13.34
CA TYR C 105 -21.78 20.17 12.69
C TYR C 105 -21.60 19.82 11.25
N PHE C 106 -21.65 18.52 11.01
CA PHE C 106 -21.26 17.93 9.76
C PHE C 106 -22.06 18.44 8.55
N ASN C 107 -23.38 18.48 8.70
CA ASN C 107 -24.26 18.91 7.60
C ASN C 107 -24.07 20.39 7.26
N GLN C 108 -23.84 21.19 8.30
CA GLN C 108 -23.60 22.62 8.13
C GLN C 108 -22.18 22.98 7.69
N GLN C 109 -21.27 21.97 7.66
CA GLN C 109 -19.84 22.15 7.40
C GLN C 109 -19.22 23.26 8.29
N LYS C 110 -19.50 23.14 9.58
CA LYS C 110 -19.17 24.16 10.59
C LYS C 110 -18.49 23.46 11.77
N LEU C 111 -17.33 23.98 12.17
CA LEU C 111 -16.71 23.65 13.46
C LEU C 111 -16.89 24.81 14.43
N SER C 112 -17.54 24.52 15.53
CA SER C 112 -17.81 25.51 16.54
C SER C 112 -16.95 25.28 17.75
N LEU C 113 -16.14 26.28 18.06
CA LEU C 113 -15.32 26.26 19.24
C LEU C 113 -15.90 27.28 20.21
N ILE C 114 -16.24 26.81 21.40
CA ILE C 114 -16.72 27.66 22.47
C ILE C 114 -15.72 27.59 23.60
N VAL C 115 -15.20 28.75 23.99
CA VAL C 115 -14.06 28.86 24.86
C VAL C 115 -14.32 30.02 25.86
N PRO C 116 -13.79 29.96 27.10
CA PRO C 116 -13.92 31.09 28.00
C PRO C 116 -13.25 32.37 27.46
N PRO C 117 -13.82 33.56 27.72
CA PRO C 117 -13.20 34.77 27.15
C PRO C 117 -11.70 34.93 27.46
N GLN C 118 -11.24 34.42 28.61
CA GLN C 118 -9.82 34.47 28.97
C GLN C 118 -8.96 33.66 28.02
N ALA C 119 -9.54 32.72 27.29
CA ALA C 119 -8.76 31.91 26.38
C ALA C 119 -8.45 32.67 25.09
N LEU C 120 -9.04 33.84 24.88
CA LEU C 120 -8.91 34.51 23.61
C LEU C 120 -7.76 35.53 23.56
N LEU C 121 -7.23 35.75 22.37
CA LEU C 121 -6.25 36.80 22.11
C LEU C 121 -6.99 38.13 22.07
N PRO C 122 -6.28 39.24 22.34
CA PRO C 122 -6.86 40.60 22.32
C PRO C 122 -7.63 41.00 21.03
N ASP D 18 34.90 -23.16 -7.49
CA ASP D 18 34.54 -23.31 -6.03
C ASP D 18 33.02 -23.38 -5.89
N VAL D 19 32.54 -24.54 -5.46
CA VAL D 19 31.11 -24.76 -5.26
C VAL D 19 30.76 -24.90 -3.78
N SER D 20 31.60 -24.34 -2.90
CA SER D 20 31.27 -24.21 -1.48
C SER D 20 29.99 -23.39 -1.33
N LEU D 21 29.88 -22.27 -2.04
CA LEU D 21 28.66 -21.44 -2.02
C LEU D 21 27.40 -22.17 -2.52
N PHE D 22 27.52 -22.91 -3.61
CA PHE D 22 26.38 -23.60 -4.14
C PHE D 22 25.97 -24.78 -3.26
N ASN D 23 26.93 -25.40 -2.61
CA ASN D 23 26.62 -26.48 -1.66
C ASN D 23 25.78 -25.94 -0.48
N GLN D 24 25.96 -24.66 -0.14
CA GLN D 24 25.25 -24.01 0.97
C GLN D 24 23.94 -23.27 0.56
N GLY D 25 23.56 -23.41 -0.72
CA GLY D 25 22.25 -22.98 -1.20
C GLY D 25 22.28 -21.89 -2.25
N LEU D 26 23.45 -21.30 -2.51
CA LEU D 26 23.55 -20.23 -3.50
C LEU D 26 23.13 -20.79 -4.86
N GLN D 27 22.20 -20.13 -5.55
CA GLN D 27 21.72 -20.63 -6.84
C GLN D 27 22.86 -20.64 -7.86
N LEU D 28 22.81 -21.59 -8.81
CA LEU D 28 23.86 -21.74 -9.80
C LEU D 28 23.66 -20.76 -10.96
N PRO D 29 24.74 -20.39 -11.64
CA PRO D 29 24.62 -19.57 -12.81
C PRO D 29 23.76 -20.20 -13.90
N GLY D 30 23.11 -19.33 -14.64
CA GLY D 30 22.23 -19.73 -15.68
C GLY D 30 21.00 -18.88 -15.75
N ASN D 31 19.97 -19.43 -16.39
CA ASN D 31 18.75 -18.66 -16.71
C ASN D 31 17.69 -18.84 -15.63
N TYR D 32 17.02 -17.73 -15.29
CA TYR D 32 15.96 -17.71 -14.28
C TYR D 32 14.85 -16.79 -14.81
N PHE D 33 13.63 -17.28 -14.83
CA PHE D 33 12.48 -16.44 -15.17
C PHE D 33 12.21 -15.56 -13.96
N VAL D 34 12.22 -14.24 -14.17
CA VAL D 34 12.09 -13.28 -13.09
C VAL D 34 11.12 -12.17 -13.54
N ASN D 35 10.54 -11.51 -12.53
CA ASN D 35 9.85 -10.26 -12.68
C ASN D 35 10.83 -9.14 -12.34
N VAL D 36 10.98 -8.20 -13.25
CA VAL D 36 11.95 -7.15 -13.15
C VAL D 36 11.24 -5.90 -12.64
N PHE D 37 11.83 -5.30 -11.62
CA PHE D 37 11.36 -4.04 -11.02
C PHE D 37 12.46 -2.99 -11.10
N VAL D 38 12.08 -1.77 -11.46
CA VAL D 38 12.98 -0.64 -11.39
C VAL D 38 12.32 0.40 -10.48
N ASN D 39 13.03 0.77 -9.42
CA ASN D 39 12.56 1.75 -8.42
C ASN D 39 11.11 1.50 -7.99
N GLY D 40 10.80 0.24 -7.70
CA GLY D 40 9.52 -0.11 -7.16
C GLY D 40 8.42 -0.41 -8.16
N ARG D 41 8.65 -0.20 -9.46
CA ARG D 41 7.66 -0.47 -10.49
C ARG D 41 8.06 -1.72 -11.29
N LYS D 42 7.08 -2.59 -11.57
CA LYS D 42 7.33 -3.78 -12.37
C LYS D 42 7.41 -3.35 -13.81
N VAL D 43 8.55 -3.59 -14.45
CA VAL D 43 8.77 -3.14 -15.82
C VAL D 43 8.85 -4.28 -16.86
N ASP D 44 9.02 -5.53 -16.39
CA ASP D 44 9.12 -6.70 -17.26
C ASP D 44 9.07 -8.03 -16.49
N SER D 45 8.79 -9.09 -17.24
CA SER D 45 8.95 -10.45 -16.77
C SER D 45 9.54 -11.27 -17.92
N GLY D 46 10.51 -12.11 -17.62
CA GLY D 46 11.13 -12.95 -18.68
C GLY D 46 12.39 -13.63 -18.17
N ASN D 47 13.02 -14.44 -19.03
CA ASN D 47 14.24 -15.16 -18.70
C ASN D 47 15.45 -14.24 -18.67
N ILE D 48 16.16 -14.24 -17.55
CA ILE D 48 17.38 -13.48 -17.41
C ILE D 48 18.52 -14.45 -17.09
N ASP D 49 19.64 -14.33 -17.84
CA ASP D 49 20.87 -15.03 -17.45
C ASP D 49 21.64 -14.38 -16.28
N PHE D 50 22.00 -15.21 -15.31
CA PHE D 50 22.82 -14.86 -14.19
C PHE D 50 24.17 -15.60 -14.22
N ARG D 51 25.21 -14.85 -13.91
CA ARG D 51 26.56 -15.37 -13.90
C ARG D 51 27.22 -14.98 -12.59
N LEU D 52 28.22 -15.75 -12.19
CA LEU D 52 28.95 -15.44 -10.97
C LEU D 52 29.93 -14.34 -11.30
N GLU D 53 30.07 -13.41 -10.38
CA GLU D 53 31.05 -12.34 -10.46
C GLU D 53 31.69 -12.09 -9.12
N LYS D 54 32.95 -11.69 -9.14
CA LYS D 54 33.68 -11.42 -7.90
C LYS D 54 33.93 -9.90 -7.79
N HIS D 55 33.48 -9.28 -6.69
CA HIS D 55 33.69 -7.86 -6.42
C HIS D 55 34.11 -7.71 -4.96
N ASN D 56 35.32 -7.20 -4.74
CA ASN D 56 35.90 -7.07 -3.41
C ASN D 56 35.95 -8.41 -2.71
N GLY D 57 36.32 -9.42 -3.52
CA GLY D 57 36.49 -10.77 -3.04
C GLY D 57 35.20 -11.56 -2.93
N LYS D 58 34.06 -10.87 -3.05
CA LYS D 58 32.77 -11.49 -2.85
C LYS D 58 32.20 -12.00 -4.17
N GLU D 59 31.86 -13.29 -4.22
CA GLU D 59 31.20 -13.88 -5.38
C GLU D 59 29.68 -13.88 -5.20
N LEU D 60 28.99 -13.44 -6.24
CA LEU D 60 27.55 -13.31 -6.25
C LEU D 60 27.11 -13.54 -7.67
N LEU D 61 25.86 -13.98 -7.83
CA LEU D 61 25.23 -13.98 -9.13
C LEU D 61 24.91 -12.56 -9.53
N TRP D 62 25.17 -12.21 -10.79
CA TRP D 62 24.80 -10.92 -11.36
C TRP D 62 24.03 -11.14 -12.63
N PRO D 63 22.96 -10.33 -12.85
CA PRO D 63 22.24 -10.46 -14.14
C PRO D 63 23.14 -9.99 -15.27
N CYS D 64 23.04 -10.66 -16.42
CA CYS D 64 23.70 -10.25 -17.64
C CYS D 64 22.68 -9.53 -18.53
N LEU D 65 22.71 -8.22 -18.49
CA LEU D 65 21.72 -7.41 -19.17
C LEU D 65 22.29 -6.77 -20.43
N SER D 66 21.46 -6.65 -21.46
CA SER D 66 21.84 -5.91 -22.66
C SER D 66 21.41 -4.46 -22.51
N SER D 67 22.01 -3.59 -23.32
CA SER D 67 21.54 -2.20 -23.33
C SER D 67 20.08 -2.05 -23.83
N LEU D 68 19.61 -2.93 -24.70
CA LEU D 68 18.17 -2.95 -25.08
C LEU D 68 17.26 -3.29 -23.86
N GLN D 69 17.63 -4.28 -23.07
CA GLN D 69 16.90 -4.65 -21.89
C GLN D 69 16.86 -3.51 -20.88
N LEU D 70 18.00 -2.89 -20.63
CA LEU D 70 18.03 -1.72 -19.75
C LEU D 70 17.08 -0.61 -20.24
N THR D 71 17.05 -0.43 -21.54
CA THR D 71 16.16 0.55 -22.17
C THR D 71 14.68 0.17 -21.99
N LYS D 72 14.34 -1.09 -22.27
CA LYS D 72 13.04 -1.63 -21.97
C LYS D 72 12.65 -1.39 -20.52
N TYR D 73 13.59 -1.52 -19.59
CA TYR D 73 13.29 -1.25 -18.18
C TYR D 73 13.18 0.24 -17.83
N GLY D 74 13.48 1.14 -18.76
CA GLY D 74 13.31 2.56 -18.53
C GLY D 74 14.57 3.29 -18.10
N ILE D 75 15.72 2.65 -18.29
CA ILE D 75 17.00 3.27 -17.91
C ILE D 75 17.60 4.00 -19.09
N ASP D 76 18.07 5.23 -18.85
CA ASP D 76 18.63 6.11 -19.87
C ASP D 76 20.13 5.76 -20.09
N ILE D 77 20.40 4.76 -20.91
CA ILE D 77 21.77 4.27 -21.16
C ILE D 77 22.75 5.28 -21.79
N ASP D 78 22.24 6.28 -22.49
CA ASP D 78 23.12 7.28 -23.12
C ASP D 78 23.84 8.16 -22.08
N LYS D 79 23.37 8.15 -20.83
CA LYS D 79 24.04 8.84 -19.73
C LYS D 79 25.24 8.06 -19.18
N TYR D 80 25.27 6.76 -19.45
CA TYR D 80 26.23 5.85 -18.85
C TYR D 80 26.96 5.03 -19.91
N PRO D 81 27.75 5.70 -20.76
CA PRO D 81 28.57 5.02 -21.79
C PRO D 81 29.48 3.91 -21.23
N ASP D 82 29.87 4.02 -19.97
CA ASP D 82 30.67 2.95 -19.35
C ASP D 82 29.92 1.64 -19.16
N LEU D 83 28.60 1.66 -19.34
CA LEU D 83 27.80 0.43 -19.33
C LEU D 83 28.34 -0.64 -20.30
N ILE D 84 28.73 -0.21 -21.50
CA ILE D 84 29.25 -1.12 -22.53
C ILE D 84 30.73 -1.43 -22.30
N GLN D 90 28.91 -8.81 -24.52
CA GLN D 90 28.13 -9.80 -23.76
C GLN D 90 27.12 -9.19 -22.73
N CYS D 91 27.61 -8.64 -21.61
CA CYS D 91 26.77 -8.08 -20.53
C CYS D 91 27.15 -6.61 -20.18
N VAL D 92 26.18 -5.76 -19.86
CA VAL D 92 26.51 -4.39 -19.44
C VAL D 92 27.13 -4.45 -18.03
N ASP D 93 28.03 -3.52 -17.76
CA ASP D 93 28.61 -3.31 -16.43
C ASP D 93 27.70 -2.40 -15.61
N LEU D 94 26.86 -3.01 -14.77
CA LEU D 94 25.85 -2.29 -13.98
C LEU D 94 26.44 -1.35 -12.92
N LEU D 95 27.67 -1.64 -12.52
CA LEU D 95 28.40 -0.74 -11.63
C LEU D 95 28.73 0.61 -12.28
N ALA D 96 28.58 0.72 -13.60
CA ALA D 96 28.73 2.00 -14.30
C ALA D 96 27.71 3.04 -13.81
N ILE D 97 26.52 2.61 -13.43
CA ILE D 97 25.46 3.49 -12.91
C ILE D 97 25.74 3.81 -11.44
N PRO D 98 26.17 5.04 -11.16
CA PRO D 98 26.45 5.36 -9.77
C PRO D 98 25.20 5.29 -8.89
N HIS D 99 25.40 4.92 -7.63
CA HIS D 99 24.34 4.99 -6.61
C HIS D 99 23.17 4.08 -6.95
N SER D 100 23.54 2.86 -7.33
CA SER D 100 22.58 1.89 -7.83
C SER D 100 22.74 0.59 -7.05
N ASP D 101 21.64 -0.14 -6.97
CA ASP D 101 21.58 -1.39 -6.24
C ASP D 101 20.86 -2.39 -7.15
N VAL D 102 21.38 -3.60 -7.21
CA VAL D 102 20.72 -4.71 -7.88
C VAL D 102 20.53 -5.80 -6.86
N GLN D 103 19.28 -6.28 -6.72
CA GLN D 103 19.02 -7.47 -5.90
C GLN D 103 18.23 -8.53 -6.64
N PHE D 104 18.76 -9.76 -6.59
CA PHE D 104 18.05 -10.93 -7.09
C PHE D 104 17.41 -11.62 -5.89
N TYR D 105 16.10 -11.49 -5.75
CA TYR D 105 15.36 -12.25 -4.77
C TYR D 105 14.91 -13.58 -5.42
N PHE D 106 15.76 -14.59 -5.30
CA PHE D 106 15.49 -15.86 -5.95
C PHE D 106 14.12 -16.44 -5.53
N ASN D 107 13.80 -16.40 -4.22
CA ASN D 107 12.58 -17.01 -3.69
C ASN D 107 11.28 -16.26 -4.04
N GLN D 108 11.42 -15.05 -4.56
CA GLN D 108 10.27 -14.29 -4.99
C GLN D 108 10.26 -14.17 -6.51
N GLN D 109 11.23 -14.78 -7.18
CA GLN D 109 11.35 -14.69 -8.65
C GLN D 109 11.41 -13.23 -9.08
N LYS D 110 12.20 -12.43 -8.36
CA LYS D 110 12.21 -11.00 -8.56
C LYS D 110 13.62 -10.48 -8.76
N LEU D 111 13.78 -9.59 -9.71
CA LEU D 111 15.02 -8.84 -9.86
C LEU D 111 14.69 -7.38 -9.67
N SER D 112 15.36 -6.76 -8.70
CA SER D 112 15.08 -5.38 -8.32
C SER D 112 16.28 -4.50 -8.67
N LEU D 113 16.04 -3.48 -9.50
CA LEU D 113 17.06 -2.50 -9.83
C LEU D 113 16.67 -1.20 -9.20
N ILE D 114 17.59 -0.62 -8.45
CA ILE D 114 17.32 0.73 -7.86
C ILE D 114 18.39 1.64 -8.43
N VAL D 115 17.95 2.71 -9.09
CA VAL D 115 18.86 3.60 -9.78
C VAL D 115 18.52 5.02 -9.37
N PRO D 116 19.51 5.94 -9.45
CA PRO D 116 19.23 7.33 -9.16
C PRO D 116 18.13 7.90 -10.08
N PRO D 117 17.39 8.91 -9.61
CA PRO D 117 16.31 9.48 -10.44
C PRO D 117 16.75 9.96 -11.84
N GLN D 118 17.98 10.47 -11.92
CA GLN D 118 18.61 10.94 -13.16
C GLN D 118 18.93 9.81 -14.13
N ALA D 119 18.96 8.57 -13.63
CA ALA D 119 19.22 7.42 -14.48
C ALA D 119 18.02 7.03 -15.37
N LEU D 120 16.83 7.52 -15.06
CA LEU D 120 15.64 7.13 -15.76
C LEU D 120 15.37 7.97 -17.02
N LEU D 121 14.87 7.29 -18.05
CA LEU D 121 14.43 7.94 -19.27
C LEU D 121 13.44 9.00 -18.88
N PRO D 122 13.66 10.24 -19.38
CA PRO D 122 12.69 11.32 -19.13
C PRO D 122 11.26 10.83 -19.38
#